data_3LDG
#
_entry.id   3LDG
#
_cell.length_a   65.251
_cell.length_b   67.348
_cell.length_c   91.848
_cell.angle_alpha   90.00
_cell.angle_beta   90.00
_cell.angle_gamma   90.00
#
_symmetry.space_group_name_H-M   'P 21 21 21'
#
loop_
_entity.id
_entity.type
_entity.pdbx_description
1 polymer 'Putative uncharacterized protein SMU.472'
2 non-polymer S-ADENOSYL-L-HOMOCYSTEINE
3 water water
#
_entity_poly.entity_id   1
_entity_poly.type   'polypeptide(L)'
_entity_poly.pdbx_seq_one_letter_code
;(MSE)KKTFNLVATAAAGIEAVVGKELRNLGLDCQVENGRVLFKGNIETIAKSNLWLRSADRIKIVVGEFPARTFEELFQ
GVYALDWENYLPLGCQFPVAKAKSVKSKLHNEPSIQGITKKAIVKKLQHYFHRPDSVPLPENGPEFKIEISLLKDQARV
(MSE)IDTTGPSLFKRGYRTEKGGAPIKEN(MSE)AAAIILLSNWFPDKPFVDPTCGSGTFCIEAA(MSE)IG(MSE)NI
APGFNRDFAFEEWPWVDEALVTRVRNEADEQADYDIQLDISGFDFDGR(MSE)VEIARKNAREVGLEDVVKLKQ(MSE)R
LQDFKTNKINGVLISNPPYGERLLDDKAVDILYNE(MSE)GETFAPLKTWSQFILTNDTDFEQKFGRKADKKRKLYNGSL
KVDLYQFYGQRVKRVLR
;
_entity_poly.pdbx_strand_id   A
#
# COMPACT_ATOMS: atom_id res chain seq x y z
N LYS A 2 16.15 11.80 -17.50
CA LYS A 2 15.46 10.55 -17.81
C LYS A 2 14.02 10.76 -18.27
N LYS A 3 13.65 10.14 -19.38
CA LYS A 3 12.29 10.29 -19.92
C LYS A 3 11.47 9.00 -19.86
N THR A 4 12.14 7.85 -19.99
CA THR A 4 11.49 6.57 -19.82
C THR A 4 12.05 5.80 -18.61
N PHE A 5 11.16 5.31 -17.76
CA PHE A 5 11.53 4.71 -16.47
C PHE A 5 11.11 3.25 -16.34
N ASN A 6 12.00 2.44 -15.76
CA ASN A 6 11.65 1.10 -15.31
C ASN A 6 11.19 1.27 -13.86
N LEU A 7 10.00 0.79 -13.56
CA LEU A 7 9.34 1.13 -12.30
C LEU A 7 8.90 -0.12 -11.60
N VAL A 8 8.80 -0.03 -10.28
CA VAL A 8 8.29 -1.14 -9.48
C VAL A 8 7.30 -0.59 -8.45
N ALA A 9 6.17 -1.26 -8.32
CA ALA A 9 5.27 -0.99 -7.23
C ALA A 9 5.48 -2.15 -6.28
N THR A 10 5.88 -1.85 -5.05
CA THR A 10 6.03 -2.88 -4.03
C THR A 10 4.67 -3.12 -3.38
N ALA A 11 4.41 -4.36 -2.95
CA ALA A 11 3.10 -4.72 -2.38
C ALA A 11 3.26 -5.93 -1.46
N ALA A 12 2.42 -6.04 -0.44
CA ALA A 12 2.50 -7.18 0.47
C ALA A 12 2.20 -8.49 -0.24
N ALA A 13 2.77 -9.59 0.26
CA ALA A 13 2.56 -10.89 -0.35
C ALA A 13 1.08 -11.28 -0.35
N GLY A 14 0.56 -11.64 -1.51
CA GLY A 14 -0.85 -11.99 -1.57
C GLY A 14 -1.68 -10.90 -2.23
N ILE A 15 -1.14 -9.70 -2.39
CA ILE A 15 -1.94 -8.68 -3.07
C ILE A 15 -1.28 -8.09 -4.31
N GLU A 16 -0.16 -8.69 -4.74
CA GLU A 16 0.54 -8.22 -5.93
C GLU A 16 -0.42 -8.18 -7.12
N ALA A 17 -1.27 -9.19 -7.23
CA ALA A 17 -2.28 -9.27 -8.29
C ALA A 17 -3.29 -8.11 -8.27
N VAL A 18 -3.62 -7.61 -7.08
CA VAL A 18 -4.54 -6.48 -6.95
C VAL A 18 -3.87 -5.22 -7.51
N VAL A 19 -2.61 -5.03 -7.13
CA VAL A 19 -1.76 -3.96 -7.70
C VAL A 19 -1.66 -4.09 -9.23
N GLY A 20 -1.43 -5.31 -9.73
CA GLY A 20 -1.41 -5.52 -11.16
C GLY A 20 -2.68 -5.02 -11.83
N LYS A 21 -3.83 -5.37 -11.25
CA LYS A 21 -5.12 -5.01 -11.84
C LYS A 21 -5.33 -3.50 -11.82
N GLU A 22 -4.97 -2.87 -10.70
CA GLU A 22 -5.03 -1.42 -10.57
C GLU A 22 -4.18 -0.74 -11.65
N LEU A 23 -2.98 -1.25 -11.87
CA LEU A 23 -2.08 -0.67 -12.88
C LEU A 23 -2.69 -0.83 -14.28
N ARG A 24 -3.28 -1.99 -14.55
CA ARG A 24 -3.92 -2.22 -15.84
C ARG A 24 -5.05 -1.22 -16.09
N ASN A 25 -5.77 -0.88 -15.03
CA ASN A 25 -6.84 0.12 -15.12
C ASN A 25 -6.32 1.54 -15.42
N LEU A 26 -5.04 1.76 -15.14
CA LEU A 26 -4.37 3.00 -15.46
C LEU A 26 -3.76 2.96 -16.86
N GLY A 27 -3.93 1.82 -17.52
CA GLY A 27 -3.45 1.64 -18.89
C GLY A 27 -2.04 1.05 -18.98
N LEU A 28 -1.61 0.35 -17.94
CA LEU A 28 -0.23 -0.10 -17.83
C LEU A 28 -0.10 -1.61 -17.84
N ASP A 29 0.67 -2.13 -18.79
CA ASP A 29 1.06 -3.54 -18.78
C ASP A 29 1.96 -3.71 -17.57
N CYS A 30 1.98 -4.88 -16.97
CA CYS A 30 2.86 -5.10 -15.83
C CYS A 30 3.25 -6.56 -15.64
N GLN A 31 4.31 -6.79 -14.89
CA GLN A 31 4.77 -8.14 -14.59
C GLN A 31 4.70 -8.37 -13.08
N VAL A 32 3.82 -9.26 -12.66
CA VAL A 32 3.64 -9.51 -11.23
C VAL A 32 4.68 -10.49 -10.70
N GLU A 33 5.44 -10.05 -9.71
CA GLU A 33 6.40 -10.91 -9.05
C GLU A 33 6.10 -10.98 -7.55
N ASN A 34 6.96 -11.65 -6.80
CA ASN A 34 6.83 -11.73 -5.35
C ASN A 34 7.15 -10.39 -4.67
N GLY A 35 6.15 -9.78 -4.06
CA GLY A 35 6.32 -8.54 -3.32
C GLY A 35 6.48 -7.30 -4.18
N ARG A 36 6.34 -7.48 -5.49
CA ARG A 36 6.65 -6.39 -6.43
C ARG A 36 5.99 -6.59 -7.79
N VAL A 37 5.61 -5.48 -8.42
CA VAL A 37 5.08 -5.51 -9.76
C VAL A 37 5.88 -4.55 -10.61
N LEU A 38 6.42 -5.04 -11.72
CA LEU A 38 7.26 -4.23 -12.59
C LEU A 38 6.44 -3.60 -13.71
N PHE A 39 6.76 -2.35 -14.03
CA PHE A 39 6.13 -1.70 -15.18
C PHE A 39 7.08 -0.66 -15.76
N LYS A 40 6.63 0.06 -16.78
CA LYS A 40 7.45 1.10 -17.39
C LYS A 40 6.58 2.31 -17.61
N GLY A 41 7.17 3.48 -17.80
CA GLY A 41 6.34 4.64 -18.06
C GLY A 41 7.15 5.90 -18.10
N ASN A 42 6.45 7.02 -18.29
CA ASN A 42 7.08 8.33 -18.31
C ASN A 42 6.85 8.96 -16.94
N ILE A 43 7.27 10.21 -16.76
CA ILE A 43 7.05 10.91 -15.48
C ILE A 43 5.56 11.00 -15.09
N GLU A 44 4.69 11.23 -16.07
CA GLU A 44 3.25 11.26 -15.79
C GLU A 44 2.77 9.90 -15.23
N THR A 45 3.33 8.81 -15.72
CA THR A 45 3.10 7.50 -15.08
C THR A 45 3.46 7.46 -13.59
N ILE A 46 4.61 8.04 -13.24
CA ILE A 46 5.04 8.14 -11.86
C ILE A 46 4.04 8.92 -11.00
N ALA A 47 3.48 9.99 -11.57
CA ALA A 47 2.54 10.81 -10.82
C ALA A 47 1.23 10.04 -10.63
N LYS A 48 0.74 9.46 -11.71
CA LYS A 48 -0.59 8.86 -11.70
C LYS A 48 -0.58 7.61 -10.84
N SER A 49 0.52 6.89 -10.87
CA SER A 49 0.62 5.68 -10.10
C SER A 49 0.75 5.94 -8.57
N ASN A 50 1.54 6.94 -8.17
CA ASN A 50 1.55 7.38 -6.77
C ASN A 50 0.17 7.90 -6.33
N LEU A 51 -0.45 8.70 -7.18
CA LEU A 51 -1.72 9.32 -6.81
C LEU A 51 -2.84 8.30 -6.67
N TRP A 52 -2.88 7.31 -7.56
CA TRP A 52 -4.06 6.44 -7.72
C TRP A 52 -4.04 5.04 -7.11
N LEU A 53 -2.86 4.43 -6.93
CA LEU A 53 -2.83 3.04 -6.47
C LEU A 53 -3.21 2.91 -5.00
N ARG A 54 -4.31 2.21 -4.74
CA ARG A 54 -4.78 2.01 -3.34
C ARG A 54 -4.12 0.87 -2.60
N SER A 55 -3.51 -0.07 -3.33
CA SER A 55 -3.08 -1.31 -2.71
C SER A 55 -1.56 -1.51 -2.68
N ALA A 56 -0.84 -0.64 -3.38
CA ALA A 56 0.63 -0.73 -3.34
C ALA A 56 1.29 0.07 -2.17
N ASP A 57 2.54 -0.23 -1.86
CA ASP A 57 3.31 0.39 -0.77
C ASP A 57 4.12 1.57 -1.22
N ARG A 58 4.87 1.39 -2.28
CA ARG A 58 5.71 2.43 -2.82
C ARG A 58 5.92 2.26 -4.30
N ILE A 59 6.20 3.36 -4.96
CA ILE A 59 6.64 3.39 -6.32
C ILE A 59 8.12 3.82 -6.40
N LYS A 60 8.93 3.00 -7.09
CA LYS A 60 10.37 3.27 -7.14
C LYS A 60 10.89 3.16 -8.56
N ILE A 61 11.91 3.96 -8.86
CA ILE A 61 12.61 3.83 -10.14
C ILE A 61 13.72 2.79 -10.00
N VAL A 62 13.76 1.83 -10.91
CA VAL A 62 14.92 0.94 -10.98
C VAL A 62 15.98 1.60 -11.86
N VAL A 63 17.06 2.02 -11.24
CA VAL A 63 18.11 2.72 -11.98
C VAL A 63 18.96 1.70 -12.73
N GLY A 64 19.17 0.54 -12.12
CA GLY A 64 20.02 -0.47 -12.74
C GLY A 64 20.30 -1.65 -11.84
N GLU A 65 20.76 -2.74 -12.47
CA GLU A 65 21.08 -3.99 -11.77
C GLU A 65 22.36 -4.56 -12.34
N PHE A 66 23.19 -5.17 -11.49
CA PHE A 66 24.49 -5.68 -11.94
C PHE A 66 25.04 -6.66 -10.89
N PRO A 67 25.94 -7.57 -11.31
CA PRO A 67 26.56 -8.47 -10.33
C PRO A 67 27.61 -7.77 -9.49
N ALA A 68 27.73 -8.14 -8.22
CA ALA A 68 28.74 -7.56 -7.34
C ALA A 68 29.09 -8.51 -6.19
N ARG A 69 30.29 -9.07 -6.26
CA ARG A 69 30.74 -10.01 -5.24
C ARG A 69 31.78 -9.37 -4.33
N THR A 70 32.42 -8.30 -4.81
CA THR A 70 33.41 -7.56 -4.03
C THR A 70 33.03 -6.08 -3.98
N PHE A 71 33.58 -5.36 -3.00
CA PHE A 71 33.28 -3.95 -2.86
C PHE A 71 33.76 -3.09 -4.03
N GLU A 72 34.82 -3.52 -4.70
CA GLU A 72 35.24 -2.81 -5.91
C GLU A 72 34.26 -3.04 -7.06
N GLU A 73 33.74 -4.25 -7.17
CA GLU A 73 32.73 -4.53 -8.18
C GLU A 73 31.48 -3.72 -7.87
N LEU A 74 31.15 -3.59 -6.59
CA LEU A 74 30.00 -2.77 -6.21
C LEU A 74 30.22 -1.32 -6.59
N PHE A 75 31.43 -0.81 -6.32
CA PHE A 75 31.73 0.58 -6.56
C PHE A 75 31.60 0.85 -8.05
N GLN A 76 32.22 0.00 -8.85
CA GLN A 76 32.23 0.22 -10.28
C GLN A 76 30.83 0.08 -10.86
N GLY A 77 30.05 -0.84 -10.31
CA GLY A 77 28.71 -1.07 -10.81
C GLY A 77 27.85 0.16 -10.61
N VAL A 78 27.91 0.73 -9.41
CA VAL A 78 27.14 1.90 -9.09
C VAL A 78 27.64 3.11 -9.87
N TYR A 79 28.95 3.29 -9.91
CA TYR A 79 29.55 4.39 -10.68
C TYR A 79 29.04 4.38 -12.12
N ALA A 80 28.92 3.19 -12.69
CA ALA A 80 28.54 3.02 -14.09
C ALA A 80 27.09 3.45 -14.43
N LEU A 81 26.20 3.46 -13.44
CA LEU A 81 24.82 3.84 -13.73
C LEU A 81 24.73 5.31 -14.16
N ASP A 82 23.64 5.65 -14.84
CA ASP A 82 23.47 6.97 -15.43
C ASP A 82 22.83 7.97 -14.47
N TRP A 83 23.47 8.18 -13.33
CA TRP A 83 22.95 9.07 -12.31
C TRP A 83 22.72 10.48 -12.85
N GLU A 84 23.53 10.87 -13.83
CA GLU A 84 23.39 12.18 -14.48
C GLU A 84 22.00 12.41 -15.07
N ASN A 85 21.28 11.32 -15.36
CA ASN A 85 19.90 11.43 -15.87
C ASN A 85 18.85 11.59 -14.76
N TYR A 86 19.29 11.53 -13.50
CA TYR A 86 18.36 11.62 -12.38
C TYR A 86 18.73 12.71 -11.36
N LEU A 87 20.03 12.87 -11.11
CA LEU A 87 20.47 13.70 -9.99
C LEU A 87 21.07 15.04 -10.45
N PRO A 88 20.32 16.12 -10.24
CA PRO A 88 20.87 17.45 -10.56
C PRO A 88 21.99 17.85 -9.58
N LEU A 89 22.84 18.75 -10.05
CA LEU A 89 23.93 19.25 -9.22
C LEU A 89 23.36 19.97 -8.01
N GLY A 90 23.83 19.60 -6.82
CA GLY A 90 23.40 20.24 -5.58
C GLY A 90 22.26 19.52 -4.86
N CYS A 91 21.72 18.45 -5.45
CA CYS A 91 20.61 17.74 -4.81
C CYS A 91 21.12 16.84 -3.70
N GLN A 92 20.25 16.49 -2.76
CA GLN A 92 20.58 15.50 -1.74
C GLN A 92 20.26 14.09 -2.25
N PHE A 93 21.17 13.16 -2.05
CA PHE A 93 20.88 11.79 -2.43
C PHE A 93 21.33 10.82 -1.34
N PRO A 94 20.63 10.82 -0.20
CA PRO A 94 21.01 9.85 0.83
C PRO A 94 20.77 8.44 0.33
N VAL A 95 21.59 7.51 0.80
CA VAL A 95 21.39 6.11 0.50
C VAL A 95 20.84 5.42 1.75
N ALA A 96 19.74 4.69 1.58
CA ALA A 96 19.50 3.48 2.39
C ALA A 96 18.69 3.71 3.67
N LYS A 97 18.68 2.79 4.64
CA LYS A 97 19.56 1.61 4.81
C LYS A 97 19.55 0.54 3.71
N ALA A 98 20.64 -0.22 3.67
CA ALA A 98 20.87 -1.23 2.65
C ALA A 98 20.35 -2.61 3.06
N LYS A 99 20.20 -3.50 2.09
CA LYS A 99 19.74 -4.86 2.36
C LYS A 99 20.59 -5.85 1.59
N SER A 100 20.91 -6.97 2.24
CA SER A 100 21.70 -8.03 1.60
C SER A 100 21.23 -9.40 2.06
N VAL A 101 20.95 -10.28 1.09
CA VAL A 101 20.51 -11.64 1.40
C VAL A 101 21.27 -12.64 0.54
N LYS A 102 21.83 -13.66 1.16
CA LYS A 102 22.62 -14.67 0.46
C LYS A 102 23.67 -14.06 -0.47
N SER A 103 24.42 -13.07 0.04
CA SER A 103 25.45 -12.39 -0.76
C SER A 103 26.78 -12.28 0.01
N LYS A 104 27.89 -12.50 -0.68
CA LYS A 104 29.21 -12.36 -0.04
C LYS A 104 29.41 -10.97 0.56
N LEU A 105 28.89 -9.96 -0.12
CA LEU A 105 28.82 -8.61 0.44
C LEU A 105 27.65 -8.59 1.40
N HIS A 106 27.94 -8.67 2.70
CA HIS A 106 26.90 -8.84 3.71
C HIS A 106 26.78 -7.65 4.67
N ASN A 107 27.82 -6.82 4.77
CA ASN A 107 27.84 -5.71 5.71
C ASN A 107 27.06 -4.53 5.17
N GLU A 108 25.88 -4.30 5.73
CA GLU A 108 24.98 -3.31 5.16
C GLU A 108 25.49 -1.86 5.29
N PRO A 109 26.09 -1.51 6.43
CA PRO A 109 26.70 -0.17 6.47
C PRO A 109 27.73 0.07 5.37
N SER A 110 28.51 -0.96 5.03
CA SER A 110 29.58 -0.79 4.04
C SER A 110 29.03 -0.70 2.62
N ILE A 111 27.95 -1.43 2.37
CA ILE A 111 27.32 -1.43 1.07
C ILE A 111 26.78 -0.02 0.83
N GLN A 112 26.19 0.52 1.89
CA GLN A 112 25.55 1.81 1.90
C GLN A 112 26.60 2.89 1.63
N GLY A 113 27.72 2.78 2.31
CA GLY A 113 28.80 3.77 2.22
C GLY A 113 29.51 3.76 0.87
N ILE A 114 29.82 2.55 0.38
CA ILE A 114 30.40 2.42 -0.94
C ILE A 114 29.46 2.95 -2.02
N THR A 115 28.17 2.64 -1.90
CA THR A 115 27.20 3.09 -2.90
C THR A 115 27.18 4.61 -2.97
N LYS A 116 27.10 5.24 -1.79
CA LYS A 116 27.14 6.70 -1.72
C LYS A 116 28.44 7.26 -2.33
N LYS A 117 29.58 6.62 -2.06
CA LYS A 117 30.84 7.18 -2.59
C LYS A 117 30.91 7.12 -4.11
N ALA A 118 30.37 6.05 -4.68
CA ALA A 118 30.43 5.85 -6.12
C ALA A 118 29.56 6.87 -6.88
N ILE A 119 28.42 7.22 -6.30
CA ILE A 119 27.52 8.21 -6.90
C ILE A 119 28.14 9.60 -6.87
N VAL A 120 28.73 9.94 -5.73
CA VAL A 120 29.45 11.19 -5.56
C VAL A 120 30.51 11.30 -6.65
N LYS A 121 31.26 10.22 -6.88
CA LYS A 121 32.34 10.25 -7.87
C LYS A 121 31.78 10.42 -9.28
N LYS A 122 30.68 9.73 -9.58
CA LYS A 122 30.08 9.81 -10.91
C LYS A 122 29.60 11.21 -11.19
N LEU A 123 28.90 11.82 -10.24
CA LEU A 123 28.50 13.21 -10.38
C LEU A 123 29.69 14.20 -10.40
N GLN A 124 30.70 14.01 -9.55
CA GLN A 124 31.84 14.93 -9.59
C GLN A 124 32.43 14.92 -10.98
N HIS A 125 32.50 13.73 -11.56
CA HIS A 125 33.10 13.56 -12.85
C HIS A 125 32.19 14.13 -13.96
N TYR A 126 30.89 13.84 -13.87
CA TYR A 126 29.95 14.40 -14.84
C TYR A 126 29.86 15.93 -14.79
N PHE A 127 29.94 16.51 -13.60
CA PHE A 127 29.85 17.96 -13.50
C PHE A 127 31.23 18.65 -13.58
N HIS A 128 32.27 17.91 -13.96
CA HIS A 128 33.59 18.52 -14.19
C HIS A 128 34.11 19.23 -12.94
N ARG A 129 33.89 18.62 -11.79
CA ARG A 129 34.35 19.18 -10.53
C ARG A 129 35.51 18.33 -10.05
N PRO A 130 36.38 18.88 -9.17
CA PRO A 130 37.51 18.10 -8.65
C PRO A 130 36.95 16.98 -7.78
N ASP A 131 37.56 15.80 -7.80
CA ASP A 131 36.94 14.68 -7.12
C ASP A 131 37.28 14.64 -5.65
N SER A 132 38.01 15.65 -5.18
CA SER A 132 38.48 15.71 -3.81
C SER A 132 37.78 16.80 -2.99
N VAL A 133 36.71 17.36 -3.55
CA VAL A 133 35.94 18.39 -2.88
C VAL A 133 34.48 17.95 -2.81
N PRO A 134 33.89 17.92 -1.60
CA PRO A 134 32.51 17.46 -1.47
C PRO A 134 31.55 18.27 -2.33
N LEU A 135 30.60 17.57 -2.97
CA LEU A 135 29.50 18.23 -3.66
C LEU A 135 28.59 18.93 -2.66
N PRO A 136 28.04 20.08 -3.04
CA PRO A 136 27.01 20.72 -2.23
C PRO A 136 25.78 19.80 -2.21
N GLU A 137 25.08 19.69 -1.09
CA GLU A 137 23.79 19.00 -1.05
C GLU A 137 22.70 19.84 -0.38
N ASN A 138 22.43 21.02 -0.93
CA ASN A 138 21.40 21.89 -0.39
C ASN A 138 20.04 21.66 -1.06
N GLY A 139 20.04 20.92 -2.15
CA GLY A 139 18.83 20.73 -2.94
C GLY A 139 17.86 19.73 -2.35
N PRO A 140 16.80 19.41 -3.11
CA PRO A 140 15.73 18.42 -2.87
C PRO A 140 16.29 17.02 -2.71
N GLU A 141 15.60 16.17 -1.95
CA GLU A 141 16.00 14.80 -1.70
C GLU A 141 15.62 13.82 -2.82
N PHE A 142 16.59 13.00 -3.22
CA PHE A 142 16.34 11.81 -4.04
C PHE A 142 16.78 10.59 -3.23
N LYS A 143 15.83 9.86 -2.69
CA LYS A 143 16.19 8.78 -1.77
C LYS A 143 16.62 7.53 -2.53
N ILE A 144 17.86 7.11 -2.25
CA ILE A 144 18.50 5.99 -2.94
C ILE A 144 18.43 4.71 -2.09
N GLU A 145 18.07 3.59 -2.72
CA GLU A 145 18.04 2.31 -2.01
C GLU A 145 18.89 1.31 -2.78
N ILE A 146 19.61 0.46 -2.05
CA ILE A 146 20.38 -0.61 -2.68
C ILE A 146 20.08 -1.93 -2.02
N SER A 147 20.00 -2.97 -2.83
CA SER A 147 19.65 -4.27 -2.32
C SER A 147 20.45 -5.34 -3.04
N LEU A 148 20.94 -6.32 -2.28
CA LEU A 148 21.68 -7.43 -2.89
C LEU A 148 21.01 -8.78 -2.65
N LEU A 149 20.82 -9.52 -3.73
CA LEU A 149 20.24 -10.86 -3.67
C LEU A 149 21.11 -11.84 -4.42
N LYS A 150 21.70 -12.80 -3.71
CA LYS A 150 22.62 -13.74 -4.32
C LYS A 150 23.66 -13.00 -5.17
N ASP A 151 24.29 -11.97 -4.60
CA ASP A 151 25.38 -11.27 -5.28
C ASP A 151 24.93 -10.49 -6.52
N GLN A 152 23.62 -10.24 -6.65
CA GLN A 152 23.11 -9.38 -7.70
C GLN A 152 22.54 -8.13 -7.04
N ALA A 153 23.09 -6.98 -7.44
CA ALA A 153 22.68 -5.70 -6.84
C ALA A 153 21.59 -5.01 -7.65
N ARG A 154 20.73 -4.29 -6.94
CA ARG A 154 19.66 -3.56 -7.58
C ARG A 154 19.64 -2.20 -6.94
N VAL A 155 19.70 -1.17 -7.76
CA VAL A 155 19.79 0.20 -7.26
C VAL A 155 18.55 0.98 -7.66
N ILE A 157 15.54 4.37 -6.93
CA ILE A 157 15.19 5.67 -6.36
C ILE A 157 13.71 5.64 -5.94
N ASP A 158 13.47 6.06 -4.70
CA ASP A 158 12.10 6.12 -4.18
C ASP A 158 11.36 7.37 -4.68
N THR A 159 10.24 7.19 -5.39
CA THR A 159 9.51 8.34 -5.93
C THR A 159 8.43 8.77 -4.95
N THR A 160 8.18 7.93 -3.96
CA THR A 160 6.98 8.06 -3.12
C THR A 160 7.17 8.89 -1.84
N GLY A 161 8.18 8.54 -1.04
CA GLY A 161 8.40 9.21 0.24
C GLY A 161 7.78 8.40 1.36
N PRO A 162 6.94 9.04 2.17
CA PRO A 162 6.22 8.19 3.12
C PRO A 162 5.41 7.09 2.38
N SER A 163 5.31 5.90 2.97
CA SER A 163 4.64 4.77 2.31
C SER A 163 3.23 5.18 1.93
N LEU A 164 2.71 4.61 0.84
CA LEU A 164 1.39 4.99 0.31
C LEU A 164 0.24 4.73 1.27
N PHE A 165 0.37 3.75 2.16
CA PHE A 165 -0.68 3.53 3.15
C PHE A 165 -0.90 4.74 4.07
N LYS A 166 0.12 5.59 4.21
CA LYS A 166 -0.06 6.85 4.94
C LYS A 166 -0.77 7.88 4.06
N ARG A 167 -2.09 7.74 3.90
CA ARG A 167 -2.90 8.68 3.12
C ARG A 167 -2.97 10.04 3.79
N GLY A 168 -2.57 10.10 5.06
CA GLY A 168 -2.67 11.33 5.84
C GLY A 168 -3.85 11.45 6.81
N TYR A 169 -4.76 10.48 6.81
CA TYR A 169 -5.92 10.58 7.70
C TYR A 169 -5.78 9.87 9.05
N ARG A 170 -4.69 9.13 9.24
CA ARG A 170 -4.55 8.35 10.48
C ARG A 170 -4.03 9.23 11.62
N THR A 171 -4.83 9.38 12.67
CA THR A 171 -4.55 10.33 13.76
C THR A 171 -4.01 9.69 15.04
N GLU A 172 -4.38 8.43 15.30
CA GLU A 172 -3.95 7.71 16.49
C GLU A 172 -2.50 7.25 16.39
N ALA A 176 -2.37 -1.54 16.33
CA ALA A 176 -2.18 -2.51 15.25
C ALA A 176 -3.28 -2.44 14.20
N PRO A 177 -3.48 -1.25 13.61
CA PRO A 177 -4.44 -1.13 12.52
C PRO A 177 -3.95 -1.96 11.34
N ILE A 178 -4.85 -2.61 10.64
CA ILE A 178 -4.48 -3.14 9.35
C ILE A 178 -4.02 -1.95 8.51
N LYS A 179 -3.00 -2.15 7.66
CA LYS A 179 -2.49 -1.07 6.79
C LYS A 179 -3.57 -0.64 5.81
N GLU A 180 -3.67 0.67 5.58
CA GLU A 180 -4.65 1.22 4.64
C GLU A 180 -4.67 0.54 3.27
N ASN A 181 -3.50 0.32 2.68
CA ASN A 181 -3.50 -0.27 1.34
C ASN A 181 -3.96 -1.74 1.36
N ALA A 183 -6.42 -2.94 3.52
CA ALA A 183 -7.87 -2.85 3.66
C ALA A 183 -8.46 -2.53 2.29
N ALA A 184 -7.88 -1.56 1.59
CA ALA A 184 -8.25 -1.30 0.19
C ALA A 184 -8.15 -2.54 -0.70
N ALA A 185 -7.08 -3.30 -0.59
CA ALA A 185 -6.90 -4.49 -1.44
C ALA A 185 -8.04 -5.45 -1.14
N ILE A 186 -8.36 -5.64 0.14
CA ILE A 186 -9.43 -6.56 0.50
C ILE A 186 -10.79 -6.09 -0.04
N ILE A 187 -11.09 -4.80 0.07
CA ILE A 187 -12.27 -4.25 -0.59
C ILE A 187 -12.26 -4.50 -2.11
N LEU A 188 -11.12 -4.32 -2.76
CA LEU A 188 -11.04 -4.55 -4.21
C LEU A 188 -11.15 -6.04 -4.57
N LEU A 189 -10.82 -6.91 -3.63
CA LEU A 189 -10.98 -8.34 -3.86
C LEU A 189 -12.43 -8.77 -3.61
N SER A 190 -13.15 -7.96 -2.85
CA SER A 190 -14.57 -8.21 -2.53
C SER A 190 -15.49 -7.96 -3.73
N ASN A 191 -16.76 -8.28 -3.57
CA ASN A 191 -17.69 -7.92 -4.63
C ASN A 191 -18.50 -6.69 -4.24
N TRP A 192 -17.90 -5.78 -3.49
CA TRP A 192 -18.64 -4.58 -3.12
C TRP A 192 -18.69 -3.61 -4.29
N PHE A 193 -19.82 -2.92 -4.43
CA PHE A 193 -20.00 -1.80 -5.35
C PHE A 193 -20.72 -0.72 -4.57
N PRO A 194 -20.53 0.55 -4.97
CA PRO A 194 -21.06 1.74 -4.31
C PRO A 194 -22.54 1.70 -3.98
N ASP A 195 -23.34 1.00 -4.78
CA ASP A 195 -24.77 0.93 -4.50
C ASP A 195 -25.15 -0.12 -3.43
N LYS A 196 -24.17 -0.87 -2.95
CA LYS A 196 -24.46 -1.86 -1.91
C LYS A 196 -24.15 -1.33 -0.54
N PRO A 197 -24.98 -1.68 0.44
CA PRO A 197 -24.61 -1.31 1.81
C PRO A 197 -23.28 -1.97 2.15
N PHE A 198 -22.48 -1.30 2.95
CA PHE A 198 -21.22 -1.86 3.41
C PHE A 198 -21.22 -1.78 4.93
N VAL A 199 -20.82 -2.88 5.58
CA VAL A 199 -20.65 -2.93 7.04
C VAL A 199 -19.31 -3.54 7.46
N ASP A 200 -18.62 -2.86 8.38
CA ASP A 200 -17.49 -3.44 9.11
C ASP A 200 -17.88 -3.55 10.56
N PRO A 201 -18.13 -4.78 11.04
CA PRO A 201 -18.67 -5.00 12.39
C PRO A 201 -17.61 -5.11 13.48
N THR A 202 -16.34 -4.98 13.10
CA THR A 202 -15.24 -4.93 14.04
C THR A 202 -14.30 -3.79 13.64
N CYS A 203 -14.82 -2.56 13.60
CA CYS A 203 -14.24 -1.55 12.72
C CYS A 203 -12.91 -0.96 13.19
N GLY A 204 -12.57 -1.18 14.46
CA GLY A 204 -11.35 -0.61 14.99
C GLY A 204 -11.27 0.87 14.68
N SER A 205 -10.16 1.30 14.11
CA SER A 205 -9.91 2.71 13.78
C SER A 205 -10.58 3.24 12.50
N GLY A 206 -11.44 2.43 11.88
CA GLY A 206 -12.28 2.88 10.77
C GLY A 206 -11.71 2.70 9.36
N THR A 207 -10.62 1.97 9.25
CA THR A 207 -9.86 1.82 8.00
C THR A 207 -10.68 1.25 6.84
N PHE A 208 -11.39 0.16 7.10
CA PHE A 208 -12.24 -0.42 6.05
C PHE A 208 -13.30 0.58 5.57
N CYS A 209 -14.01 1.20 6.50
CA CYS A 209 -15.05 2.15 6.13
C CYS A 209 -14.51 3.32 5.31
N ILE A 210 -13.38 3.85 5.75
CA ILE A 210 -12.81 5.00 5.08
C ILE A 210 -12.30 4.64 3.68
N GLU A 211 -11.59 3.52 3.54
CA GLU A 211 -11.14 3.07 2.21
C GLU A 211 -12.32 2.77 1.27
N ALA A 212 -13.39 2.19 1.79
CA ALA A 212 -14.57 1.93 0.98
C ALA A 212 -15.21 3.24 0.52
N ALA A 213 -15.32 4.20 1.44
CA ALA A 213 -15.80 5.53 1.04
C ALA A 213 -14.98 6.11 -0.10
N ILE A 215 -13.06 4.70 -2.29
CA ILE A 215 -13.35 3.94 -3.49
C ILE A 215 -14.73 4.27 -4.06
N GLY A 216 -15.75 4.30 -3.20
CA GLY A 216 -17.10 4.60 -3.64
C GLY A 216 -17.23 5.96 -4.29
N ASN A 218 -14.61 7.49 -5.62
CA ASN A 218 -13.53 7.62 -6.58
C ASN A 218 -12.64 8.81 -6.22
N ILE A 219 -12.30 8.87 -4.95
CA ILE A 219 -11.33 9.83 -4.45
C ILE A 219 -9.96 9.15 -4.50
N ALA A 220 -8.99 9.80 -5.12
CA ALA A 220 -7.66 9.22 -5.23
C ALA A 220 -6.98 9.06 -3.87
N PRO A 221 -6.37 7.87 -3.63
CA PRO A 221 -5.68 7.57 -2.37
C PRO A 221 -4.79 8.73 -1.91
N GLY A 222 -4.04 9.32 -2.84
CA GLY A 222 -3.11 10.36 -2.49
C GLY A 222 -3.64 11.78 -2.58
N PHE A 223 -4.96 11.96 -2.53
CA PHE A 223 -5.54 13.30 -2.69
C PHE A 223 -5.09 14.33 -1.62
N ASN A 224 -4.87 13.90 -0.39
CA ASN A 224 -4.45 14.85 0.65
C ASN A 224 -3.00 14.63 1.12
N ARG A 225 -2.12 14.23 0.20
CA ARG A 225 -0.75 14.06 0.58
C ARG A 225 0.19 14.38 -0.58
N ASP A 226 1.48 14.47 -0.26
CA ASP A 226 2.50 14.81 -1.23
C ASP A 226 3.35 13.59 -1.48
N PHE A 227 4.22 13.66 -2.49
CA PHE A 227 5.10 12.57 -2.84
C PHE A 227 6.49 13.12 -3.12
N ALA A 228 7.51 12.31 -2.84
CA ALA A 228 8.88 12.77 -2.95
C ALA A 228 9.18 13.33 -4.35
N PHE A 229 8.72 12.65 -5.38
CA PHE A 229 9.16 13.01 -6.73
C PHE A 229 8.71 14.42 -7.10
N GLU A 230 7.65 14.89 -6.44
CA GLU A 230 7.07 16.21 -6.74
C GLU A 230 8.03 17.34 -6.41
N GLU A 231 8.95 17.08 -5.50
CA GLU A 231 9.93 18.09 -5.15
C GLU A 231 11.16 18.07 -6.06
N TRP A 232 11.22 17.13 -7.01
CA TRP A 232 12.37 17.07 -7.89
C TRP A 232 12.29 18.20 -8.88
N PRO A 233 13.40 18.95 -9.04
CA PRO A 233 13.44 20.19 -9.82
C PRO A 233 13.05 19.97 -11.29
N TRP A 234 13.39 18.82 -11.86
CA TRP A 234 13.16 18.59 -13.28
C TRP A 234 11.75 18.04 -13.58
N VAL A 235 10.96 17.85 -12.53
CA VAL A 235 9.59 17.40 -12.70
C VAL A 235 8.74 18.62 -12.98
N ASP A 236 7.94 18.57 -14.04
CA ASP A 236 7.20 19.73 -14.51
C ASP A 236 6.05 20.12 -13.57
N GLU A 237 6.15 21.29 -12.96
CA GLU A 237 5.06 21.81 -12.12
C GLU A 237 3.70 21.69 -12.83
N ALA A 238 3.66 21.98 -14.13
CA ALA A 238 2.38 22.02 -14.83
C ALA A 238 1.81 20.61 -14.93
N LEU A 239 2.69 19.62 -14.97
CA LEU A 239 2.24 18.24 -15.09
C LEU A 239 1.55 17.80 -13.80
N VAL A 240 2.21 18.05 -12.67
CA VAL A 240 1.70 17.65 -11.37
C VAL A 240 0.34 18.28 -11.14
N THR A 241 0.22 19.56 -11.47
CA THR A 241 -1.04 20.27 -11.33
C THR A 241 -2.12 19.66 -12.20
N ARG A 242 -1.79 19.32 -13.44
CA ARG A 242 -2.78 18.73 -14.33
C ARG A 242 -3.23 17.36 -13.83
N VAL A 243 -2.28 16.51 -13.44
CA VAL A 243 -2.63 15.22 -12.85
C VAL A 243 -3.51 15.34 -11.59
N ARG A 244 -3.22 16.30 -10.73
CA ARG A 244 -4.07 16.51 -9.55
C ARG A 244 -5.46 17.05 -9.94
N ASN A 245 -5.49 17.90 -10.96
CA ASN A 245 -6.75 18.48 -11.42
C ASN A 245 -7.71 17.43 -12.01
N GLU A 246 -7.18 16.64 -12.94
CA GLU A 246 -7.92 15.53 -13.53
C GLU A 246 -8.50 14.65 -12.44
N ALA A 247 -7.70 14.39 -11.42
CA ALA A 247 -8.12 13.50 -10.34
C ALA A 247 -9.30 14.10 -9.58
N ASP A 248 -9.17 15.35 -9.16
CA ASP A 248 -10.24 16.08 -8.48
C ASP A 248 -11.53 16.09 -9.31
N GLU A 249 -11.38 16.12 -10.63
CA GLU A 249 -12.54 16.14 -11.52
C GLU A 249 -13.20 14.77 -11.60
N GLN A 250 -12.40 13.70 -11.57
CA GLN A 250 -12.92 12.33 -11.65
C GLN A 250 -13.59 11.87 -10.37
N ALA A 251 -13.34 12.60 -9.29
CA ALA A 251 -14.03 12.31 -8.04
C ALA A 251 -15.52 12.53 -8.25
N ASP A 252 -16.33 11.81 -7.47
CA ASP A 252 -17.77 11.97 -7.52
C ASP A 252 -18.29 12.17 -6.10
N TYR A 253 -18.23 13.39 -5.61
CA TYR A 253 -18.70 13.62 -4.25
C TYR A 253 -20.22 13.52 -4.11
N ASP A 254 -20.92 13.31 -5.22
CA ASP A 254 -22.38 13.29 -5.20
C ASP A 254 -23.00 11.93 -4.86
N ILE A 255 -22.34 10.85 -5.27
CA ILE A 255 -22.80 9.48 -5.02
C ILE A 255 -23.37 9.31 -3.60
N GLN A 256 -24.52 8.63 -3.46
CA GLN A 256 -24.99 8.28 -2.12
C GLN A 256 -24.49 6.89 -1.73
N LEU A 257 -23.71 6.82 -0.66
CA LEU A 257 -23.19 5.55 -0.16
C LEU A 257 -23.83 5.22 1.15
N ASP A 258 -23.83 3.93 1.46
CA ASP A 258 -24.32 3.40 2.71
C ASP A 258 -23.15 2.63 3.32
N ILE A 259 -22.38 3.30 4.18
CA ILE A 259 -21.21 2.68 4.81
C ILE A 259 -21.29 2.82 6.33
N SER A 260 -21.27 1.68 7.02
CA SER A 260 -21.34 1.64 8.48
C SER A 260 -20.19 0.82 9.04
N GLY A 261 -19.75 1.18 10.24
CA GLY A 261 -18.84 0.36 10.99
C GLY A 261 -19.12 0.53 12.46
N PHE A 262 -18.83 -0.50 13.22
CA PHE A 262 -18.97 -0.42 14.66
C PHE A 262 -17.94 -1.32 15.32
N ASP A 263 -17.79 -1.16 16.63
CA ASP A 263 -16.78 -1.83 17.43
C ASP A 263 -17.26 -1.79 18.87
N PHE A 264 -17.05 -2.86 19.64
CA PHE A 264 -17.53 -2.85 21.00
C PHE A 264 -16.61 -2.07 21.93
N ASP A 265 -15.53 -1.50 21.39
CA ASP A 265 -14.59 -0.68 22.19
C ASP A 265 -14.76 0.82 21.88
N GLY A 266 -15.33 1.55 22.82
CA GLY A 266 -15.52 2.98 22.65
C GLY A 266 -14.26 3.74 22.27
N ARG A 267 -13.11 3.31 22.81
CA ARG A 267 -11.87 4.03 22.50
C ARG A 267 -11.58 3.96 20.98
N VAL A 269 -13.88 3.55 18.55
CA VAL A 269 -14.86 4.33 17.82
C VAL A 269 -14.48 5.79 17.82
N GLU A 270 -13.93 6.23 18.95
CA GLU A 270 -13.49 7.62 19.09
C GLU A 270 -12.34 7.93 18.10
N ILE A 271 -11.39 7.02 17.99
CA ILE A 271 -10.32 7.11 17.01
C ILE A 271 -10.83 7.12 15.57
N ALA A 272 -11.77 6.23 15.28
CA ALA A 272 -12.34 6.09 13.94
C ALA A 272 -13.10 7.35 13.48
N ARG A 273 -13.84 7.94 14.41
CA ARG A 273 -14.58 9.15 14.11
C ARG A 273 -13.62 10.30 13.76
N LYS A 274 -12.58 10.45 14.56
CA LYS A 274 -11.55 11.45 14.26
C LYS A 274 -10.88 11.20 12.90
N ASN A 275 -10.54 9.95 12.62
CA ASN A 275 -9.96 9.62 11.34
C ASN A 275 -10.90 9.95 10.17
N ALA A 276 -12.19 9.66 10.33
CA ALA A 276 -13.17 9.88 9.26
C ALA A 276 -13.24 11.39 9.03
N ARG A 277 -13.28 12.12 10.12
CA ARG A 277 -13.36 13.57 10.09
C ARG A 277 -12.10 14.16 9.40
N GLU A 278 -10.97 13.51 9.58
CA GLU A 278 -9.72 13.98 8.97
C GLU A 278 -9.74 13.95 7.42
N VAL A 279 -10.40 12.96 6.83
CA VAL A 279 -10.58 12.94 5.37
C VAL A 279 -11.85 13.66 4.89
N GLY A 280 -12.57 14.29 5.81
CA GLY A 280 -13.80 14.99 5.49
C GLY A 280 -14.99 14.10 5.15
N LEU A 281 -15.04 12.92 5.78
CA LEU A 281 -16.07 11.93 5.46
C LEU A 281 -17.00 11.70 6.64
N GLU A 282 -17.06 12.68 7.53
CA GLU A 282 -17.77 12.54 8.80
C GLU A 282 -19.28 12.35 8.61
N ASP A 283 -19.80 12.85 7.48
CA ASP A 283 -21.22 12.70 7.17
C ASP A 283 -21.47 11.56 6.17
N VAL A 284 -20.41 10.83 5.85
CA VAL A 284 -20.49 9.73 4.90
C VAL A 284 -20.37 8.38 5.60
N VAL A 285 -19.43 8.24 6.53
CA VAL A 285 -19.28 6.96 7.22
C VAL A 285 -20.02 6.95 8.57
N LYS A 286 -20.85 5.93 8.78
CA LYS A 286 -21.62 5.84 9.99
C LYS A 286 -20.93 4.96 11.02
N LEU A 287 -20.43 5.57 12.08
CA LEU A 287 -19.59 4.85 13.04
C LEU A 287 -20.22 4.90 14.43
N LYS A 288 -20.19 3.78 15.13
CA LYS A 288 -20.73 3.74 16.48
C LYS A 288 -20.14 2.62 17.28
N GLN A 289 -20.30 2.73 18.60
CA GLN A 289 -19.94 1.68 19.52
C GLN A 289 -21.11 0.73 19.64
N ARG A 291 -21.67 -3.95 20.15
CA ARG A 291 -21.24 -5.34 20.00
C ARG A 291 -21.78 -5.88 18.68
N LEU A 292 -20.96 -6.62 17.94
CA LEU A 292 -21.44 -7.14 16.66
C LEU A 292 -22.60 -8.14 16.84
N GLN A 293 -22.66 -8.74 18.02
CA GLN A 293 -23.71 -9.73 18.30
C GLN A 293 -25.11 -9.13 18.27
N ASP A 294 -25.19 -7.81 18.39
CA ASP A 294 -26.46 -7.10 18.36
C ASP A 294 -26.84 -6.55 16.97
N PHE A 295 -25.99 -6.80 15.96
CA PHE A 295 -26.27 -6.28 14.63
C PHE A 295 -27.43 -6.98 13.98
N LYS A 296 -28.39 -6.19 13.49
CA LYS A 296 -29.51 -6.71 12.74
C LYS A 296 -29.82 -5.72 11.63
N THR A 297 -30.21 -6.21 10.45
CA THR A 297 -30.62 -5.34 9.35
C THR A 297 -31.70 -6.01 8.51
N ASN A 298 -32.50 -5.21 7.83
CA ASN A 298 -33.50 -5.77 6.91
C ASN A 298 -33.13 -5.37 5.51
N LYS A 299 -31.98 -4.70 5.38
CA LYS A 299 -31.44 -4.37 4.06
C LYS A 299 -30.90 -5.64 3.39
N ILE A 300 -31.06 -5.75 2.07
CA ILE A 300 -30.57 -6.93 1.38
C ILE A 300 -29.32 -6.58 0.57
N ASN A 301 -28.58 -7.61 0.17
CA ASN A 301 -27.54 -7.50 -0.83
C ASN A 301 -26.41 -6.55 -0.44
N GLY A 302 -26.03 -6.59 0.84
CA GLY A 302 -24.93 -5.79 1.34
C GLY A 302 -23.59 -6.53 1.28
N VAL A 303 -22.53 -5.87 1.72
CA VAL A 303 -21.26 -6.53 1.86
C VAL A 303 -20.75 -6.27 3.25
N LEU A 304 -20.37 -7.36 3.94
CA LEU A 304 -19.81 -7.25 5.28
C LEU A 304 -18.35 -7.65 5.20
N ILE A 305 -17.47 -6.81 5.76
CA ILE A 305 -16.06 -7.12 5.80
C ILE A 305 -15.51 -6.91 7.20
N SER A 306 -14.84 -7.92 7.72
CA SER A 306 -14.39 -7.93 9.09
C SER A 306 -12.98 -8.48 9.28
N ASN A 307 -12.16 -7.76 10.06
CA ASN A 307 -10.84 -8.22 10.50
C ASN A 307 -10.94 -8.47 12.01
N PRO A 308 -11.54 -9.61 12.42
CA PRO A 308 -11.85 -9.81 13.84
C PRO A 308 -10.62 -10.16 14.67
N PRO A 309 -10.75 -10.18 16.00
CA PRO A 309 -9.64 -10.65 16.86
C PRO A 309 -9.08 -11.97 16.34
N TYR A 310 -7.77 -12.04 16.26
CA TYR A 310 -7.08 -13.21 15.78
C TYR A 310 -6.91 -14.24 16.90
N GLY A 311 -6.69 -15.49 16.52
CA GLY A 311 -6.46 -16.54 17.50
C GLY A 311 -5.01 -16.62 17.95
N GLU A 312 -4.79 -17.23 19.11
CA GLU A 312 -3.44 -17.51 19.59
C GLU A 312 -2.65 -16.23 19.87
N ARG A 313 -3.38 -15.13 20.09
CA ARG A 313 -2.75 -13.86 20.45
C ARG A 313 -3.34 -13.27 21.76
N LEU A 314 -3.97 -12.09 21.68
CA LEU A 314 -4.49 -11.40 22.88
C LEU A 314 -5.62 -12.11 23.62
N LEU A 315 -6.47 -12.83 22.89
CA LEU A 315 -7.68 -13.43 23.43
C LEU A 315 -7.50 -14.93 23.63
N ASP A 316 -7.93 -15.46 24.78
CA ASP A 316 -7.83 -16.91 25.01
C ASP A 316 -8.66 -17.71 24.02
N ASP A 317 -8.29 -18.97 23.85
CA ASP A 317 -8.91 -19.81 22.84
C ASP A 317 -10.42 -19.89 23.01
N LYS A 318 -10.87 -20.18 24.22
CA LYS A 318 -12.29 -20.31 24.50
C LYS A 318 -13.08 -19.07 24.07
N ALA A 319 -12.50 -17.90 24.30
CA ALA A 319 -13.20 -16.66 23.96
C ALA A 319 -13.17 -16.41 22.46
N VAL A 320 -12.06 -16.72 21.82
CA VAL A 320 -11.98 -16.54 20.38
C VAL A 320 -13.00 -17.46 19.70
N ASP A 321 -13.11 -18.69 20.19
CA ASP A 321 -14.04 -19.65 19.59
C ASP A 321 -15.48 -19.23 19.79
N ILE A 322 -15.80 -18.75 20.98
CA ILE A 322 -17.13 -18.21 21.23
C ILE A 322 -17.42 -17.01 20.30
N LEU A 323 -16.45 -16.11 20.18
CA LEU A 323 -16.61 -14.94 19.33
C LEU A 323 -16.95 -15.37 17.90
N TYR A 324 -16.15 -16.27 17.36
CA TYR A 324 -16.39 -16.77 15.99
C TYR A 324 -17.75 -17.49 15.89
N ASN A 325 -18.12 -18.26 16.91
CA ASN A 325 -19.42 -18.92 16.97
C ASN A 325 -20.54 -17.88 16.88
N GLU A 326 -20.38 -16.79 17.63
CA GLU A 326 -21.40 -15.75 17.69
C GLU A 326 -21.47 -14.93 16.39
N GLY A 328 -21.02 -16.19 13.44
CA GLY A 328 -21.81 -17.04 12.57
C GLY A 328 -23.30 -16.96 12.89
N GLU A 329 -23.62 -16.99 14.17
CA GLU A 329 -25.01 -16.90 14.59
C GLU A 329 -25.59 -15.56 14.12
N THR A 330 -24.83 -14.49 14.30
CA THR A 330 -25.29 -13.14 13.99
C THR A 330 -25.47 -12.93 12.48
N PHE A 331 -24.56 -13.49 11.70
CA PHE A 331 -24.50 -13.17 10.30
C PHE A 331 -25.33 -14.15 9.47
N ALA A 332 -25.61 -15.32 10.03
CA ALA A 332 -26.43 -16.33 9.38
C ALA A 332 -27.66 -15.80 8.60
N PRO A 333 -28.45 -14.92 9.23
CA PRO A 333 -29.62 -14.33 8.56
C PRO A 333 -29.26 -13.38 7.40
N LEU A 334 -27.99 -13.08 7.20
CA LEU A 334 -27.62 -12.14 6.11
C LEU A 334 -27.45 -12.93 4.81
N LYS A 335 -28.49 -13.71 4.46
CA LYS A 335 -28.45 -14.66 3.35
C LYS A 335 -28.10 -14.03 2.01
N THR A 336 -28.49 -12.76 1.84
CA THR A 336 -28.30 -12.07 0.57
C THR A 336 -27.02 -11.24 0.56
N TRP A 337 -26.32 -11.16 1.70
CA TRP A 337 -25.08 -10.39 1.79
C TRP A 337 -23.86 -11.26 1.50
N SER A 338 -22.83 -10.67 0.90
CA SER A 338 -21.53 -11.33 0.83
C SER A 338 -20.78 -11.02 2.11
N GLN A 339 -20.02 -11.98 2.62
CA GLN A 339 -19.25 -11.74 3.84
C GLN A 339 -17.78 -12.08 3.60
N PHE A 340 -16.88 -11.23 4.10
CA PHE A 340 -15.44 -11.39 3.93
C PHE A 340 -14.77 -11.25 5.31
N ILE A 341 -14.13 -12.32 5.77
CA ILE A 341 -13.56 -12.40 7.13
C ILE A 341 -12.08 -12.75 7.04
N LEU A 342 -11.25 -11.93 7.68
CA LEU A 342 -9.80 -12.12 7.70
C LEU A 342 -9.39 -12.61 9.09
N THR A 343 -8.74 -13.76 9.14
CA THR A 343 -8.20 -14.29 10.41
C THR A 343 -7.05 -15.27 10.19
N ASN A 344 -6.26 -15.53 11.23
CA ASN A 344 -5.16 -16.49 11.14
C ASN A 344 -5.65 -17.88 11.53
N ASP A 345 -6.90 -17.97 11.99
CA ASP A 345 -7.45 -19.24 12.48
C ASP A 345 -7.88 -20.16 11.33
N THR A 346 -7.08 -21.19 11.07
CA THR A 346 -7.34 -22.06 9.94
C THR A 346 -8.60 -22.90 10.14
N ASP A 347 -9.09 -22.96 11.38
CA ASP A 347 -10.37 -23.62 11.67
C ASP A 347 -11.53 -22.63 11.71
N PHE A 348 -11.36 -21.45 11.13
CA PHE A 348 -12.42 -20.46 11.17
C PHE A 348 -13.76 -21.04 10.73
N GLU A 349 -13.74 -21.75 9.59
CA GLU A 349 -14.98 -22.21 8.99
C GLU A 349 -15.83 -23.06 9.92
N GLN A 350 -15.19 -24.02 10.58
CA GLN A 350 -15.90 -24.87 11.52
C GLN A 350 -16.48 -24.03 12.65
N LYS A 351 -15.68 -23.09 13.18
CA LYS A 351 -16.14 -22.25 14.30
C LYS A 351 -17.26 -21.31 13.88
N PHE A 352 -17.11 -20.73 12.71
CA PHE A 352 -18.09 -19.78 12.14
C PHE A 352 -19.39 -20.51 11.80
N GLY A 353 -19.27 -21.81 11.45
CA GLY A 353 -20.39 -22.67 11.17
C GLY A 353 -20.81 -22.69 9.71
N ARG A 354 -19.99 -22.13 8.84
CA ARG A 354 -20.31 -22.08 7.41
C ARG A 354 -19.05 -22.32 6.59
N LYS A 355 -19.17 -23.09 5.52
CA LYS A 355 -18.01 -23.34 4.64
C LYS A 355 -17.85 -22.16 3.67
N ALA A 356 -16.61 -21.73 3.43
CA ALA A 356 -16.33 -20.61 2.53
C ALA A 356 -16.46 -20.96 1.07
N ASP A 357 -16.89 -19.99 0.26
CA ASP A 357 -17.00 -20.18 -1.19
C ASP A 357 -15.65 -19.97 -1.84
N LYS A 358 -14.85 -19.09 -1.27
CA LYS A 358 -13.47 -18.89 -1.71
C LYS A 358 -12.60 -18.54 -0.52
N LYS A 359 -11.33 -18.93 -0.59
CA LYS A 359 -10.32 -18.52 0.37
C LYS A 359 -9.09 -17.98 -0.35
N ARG A 360 -8.51 -16.88 0.16
CA ARG A 360 -7.25 -16.39 -0.37
C ARG A 360 -6.25 -16.17 0.76
N LYS A 361 -5.03 -16.63 0.58
CA LYS A 361 -4.02 -16.49 1.61
C LYS A 361 -3.34 -15.12 1.49
N LEU A 362 -3.41 -14.33 2.56
CA LEU A 362 -2.76 -13.02 2.61
C LEU A 362 -1.76 -12.90 3.76
N TYR A 363 -1.10 -11.75 3.82
CA TYR A 363 -0.22 -11.45 4.95
C TYR A 363 -0.59 -10.13 5.58
N ASN A 364 -0.78 -10.15 6.89
CA ASN A 364 -0.98 -8.91 7.60
C ASN A 364 0.33 -8.69 8.33
N GLY A 365 1.21 -7.89 7.73
CA GLY A 365 2.57 -7.77 8.23
C GLY A 365 3.28 -9.08 8.00
N SER A 366 3.89 -9.62 9.06
CA SER A 366 4.56 -10.90 8.94
C SER A 366 3.59 -12.07 9.09
N LEU A 367 2.40 -11.77 9.63
CA LEU A 367 1.45 -12.81 10.01
C LEU A 367 0.64 -13.31 8.81
N LYS A 368 0.68 -14.61 8.55
CA LYS A 368 -0.20 -15.19 7.54
C LYS A 368 -1.65 -15.20 8.01
N VAL A 369 -2.55 -14.74 7.14
CA VAL A 369 -3.97 -14.70 7.45
C VAL A 369 -4.70 -15.11 6.18
N ASP A 370 -5.87 -15.72 6.35
CA ASP A 370 -6.68 -16.10 5.21
C ASP A 370 -7.95 -15.25 5.11
N LEU A 371 -8.30 -14.86 3.89
CA LEU A 371 -9.54 -14.15 3.65
C LEU A 371 -10.63 -15.16 3.27
N TYR A 372 -11.60 -15.37 4.17
CA TYR A 372 -12.72 -16.29 3.93
C TYR A 372 -13.85 -15.53 3.23
N GLN A 373 -14.28 -16.07 2.09
CA GLN A 373 -15.22 -15.37 1.26
C GLN A 373 -16.49 -16.19 1.11
N PHE A 374 -17.60 -15.58 1.54
CA PHE A 374 -18.91 -16.21 1.57
C PHE A 374 -19.84 -15.34 0.73
N TYR A 375 -20.38 -15.88 -0.36
CA TYR A 375 -21.18 -15.06 -1.28
C TYR A 375 -22.68 -15.12 -0.97
N GLY A 376 -23.34 -13.97 -1.07
CA GLY A 376 -24.77 -13.87 -0.81
C GLY A 376 -25.56 -14.47 -1.97
N GLN A 377 -26.82 -14.82 -1.71
CA GLN A 377 -27.67 -15.44 -2.71
C GLN A 377 -28.98 -14.69 -2.76
N ARG A 378 -29.39 -14.27 -3.96
CA ARG A 378 -30.70 -13.63 -4.11
C ARG A 378 -31.81 -14.65 -3.89
N VAL A 379 -32.89 -14.25 -3.22
CA VAL A 379 -34.02 -15.16 -3.03
C VAL A 379 -34.97 -15.11 -4.23
N LYS A 380 -35.33 -16.27 -4.76
CA LYS A 380 -36.25 -16.31 -5.90
C LYS A 380 -37.71 -16.39 -5.44
#